data_5EU1
#
_entry.id   5EU1
#
_cell.length_a   70.800
_cell.length_b   125.359
_cell.length_c   29.915
_cell.angle_alpha   90.000
_cell.angle_beta   90.000
_cell.angle_gamma   90.000
#
_symmetry.space_group_name_H-M   'P 21 21 2'
#
loop_
_entity.id
_entity.type
_entity.pdbx_description
1 polymer BRD9
2 non-polymer 4-[4-[(dimethylamino)methyl]-3,5-dimethoxy-phenyl]-2-methyl-2,7-naphthyridin-1-one
3 water water
#
_entity_poly.entity_id   1
_entity_poly.type   'polypeptide(L)'
_entity_poly.pdbx_seq_one_letter_code
;SMLKLSAENESTPIQQLLEHFLRQLQRKDPHGFFAFPVTDAIAPGYSMIIKHPMDFGTMKDKIVANEYKSVTEFKADFKL
MCDNAMTYNRPDTVYYKLAKKILHAGFKMMSKERLLALKRSMS
;
_entity_poly.pdbx_strand_id   A,B
#
# COMPACT_ATOMS: atom_id res chain seq x y z
N SER A 11 -0.88 2.62 10.43
CA SER A 11 -1.66 2.50 9.20
C SER A 11 -1.94 1.02 8.87
N THR A 12 -2.99 0.75 8.09
CA THR A 12 -3.38 -0.60 7.70
C THR A 12 -3.06 -0.84 6.22
N PRO A 13 -3.03 -2.12 5.74
CA PRO A 13 -2.78 -2.34 4.30
C PRO A 13 -3.80 -1.65 3.39
N ILE A 14 -5.11 -1.69 3.71
CA ILE A 14 -6.15 -1.01 2.90
C ILE A 14 -5.91 0.51 2.85
N GLN A 15 -5.54 1.13 3.98
CA GLN A 15 -5.24 2.57 4.05
C GLN A 15 -4.05 2.90 3.15
N GLN A 16 -2.98 2.09 3.22
CA GLN A 16 -1.80 2.28 2.37
C GLN A 16 -2.19 2.16 0.88
N LEU A 17 -3.03 1.19 0.54
CA LEU A 17 -3.47 0.99 -0.85
C LEU A 17 -4.31 2.19 -1.33
N LEU A 18 -5.29 2.61 -0.52
CA LEU A 18 -6.12 3.75 -0.90
C LEU A 18 -5.36 5.07 -0.95
N GLU A 19 -4.38 5.28 -0.05
CA GLU A 19 -3.56 6.49 -0.10
C GLU A 19 -2.76 6.53 -1.40
N HIS A 20 -2.26 5.37 -1.85
CA HIS A 20 -1.50 5.23 -3.11
C HIS A 20 -2.42 5.67 -4.26
N PHE A 21 -3.61 5.06 -4.37
CA PHE A 21 -4.58 5.43 -5.42
C PHE A 21 -4.92 6.93 -5.38
N LEU A 22 -5.18 7.47 -4.18
CA LEU A 22 -5.54 8.88 -4.03
C LEU A 22 -4.41 9.81 -4.47
N ARG A 23 -3.15 9.51 -4.07
CA ARG A 23 -1.99 10.32 -4.46
C ARG A 23 -1.86 10.39 -5.97
N GLN A 24 -2.06 9.25 -6.67
CA GLN A 24 -1.92 9.20 -8.12
C GLN A 24 -2.99 10.04 -8.78
N LEU A 25 -4.22 9.98 -8.25
CA LEU A 25 -5.33 10.78 -8.77
C LEU A 25 -5.13 12.27 -8.53
N GLN A 26 -4.67 12.65 -7.33
CA GLN A 26 -4.45 14.07 -6.99
C GLN A 26 -3.37 14.73 -7.85
N ARG A 27 -2.42 13.92 -8.39
CA ARG A 27 -1.36 14.43 -9.26
C ARG A 27 -1.98 15.00 -10.55
N LYS A 28 -3.13 14.45 -10.95
CA LYS A 28 -3.88 14.87 -12.13
C LYS A 28 -4.60 16.22 -11.93
N ASP A 29 -4.60 16.76 -10.69
CA ASP A 29 -5.25 18.02 -10.35
C ASP A 29 -4.22 19.00 -9.71
N PRO A 30 -3.22 19.50 -10.48
CA PRO A 30 -2.21 20.39 -9.87
C PRO A 30 -2.74 21.71 -9.28
N HIS A 31 -3.85 22.24 -9.82
CA HIS A 31 -4.43 23.49 -9.34
C HIS A 31 -5.34 23.34 -8.10
N GLY A 32 -5.55 22.10 -7.67
CA GLY A 32 -6.37 21.78 -6.51
C GLY A 32 -7.84 22.09 -6.65
N PHE A 33 -8.39 21.99 -7.87
CA PHE A 33 -9.83 22.26 -8.09
C PHE A 33 -10.71 21.23 -7.39
N PHE A 34 -10.16 20.02 -7.16
CA PHE A 34 -10.90 18.94 -6.51
C PHE A 34 -10.32 18.64 -5.11
N ALA A 35 -9.40 19.49 -4.62
CA ALA A 35 -8.73 19.29 -3.34
C ALA A 35 -9.64 19.41 -2.11
N PHE A 36 -10.62 20.35 -2.15
CA PHE A 36 -11.54 20.63 -1.05
C PHE A 36 -12.97 20.86 -1.57
N PRO A 37 -14.03 20.89 -0.71
CA PRO A 37 -15.39 21.06 -1.24
C PRO A 37 -15.62 22.34 -2.03
N VAL A 38 -16.54 22.26 -3.01
CA VAL A 38 -16.93 23.44 -3.79
C VAL A 38 -17.94 24.24 -2.93
N THR A 39 -17.62 25.50 -2.60
CA THR A 39 -18.52 26.35 -1.83
C THR A 39 -19.40 27.14 -2.80
N ASP A 40 -20.56 27.63 -2.30
CA ASP A 40 -21.46 28.45 -3.10
C ASP A 40 -20.84 29.82 -3.48
N ALA A 41 -19.86 30.29 -2.68
CA ALA A 41 -19.11 31.55 -2.94
C ALA A 41 -18.21 31.36 -4.17
N ILE A 42 -17.54 30.19 -4.27
CA ILE A 42 -16.68 29.82 -5.41
C ILE A 42 -17.53 29.48 -6.64
N ALA A 43 -18.70 28.84 -6.45
CA ALA A 43 -19.58 28.43 -7.55
C ALA A 43 -21.06 28.73 -7.28
N PRO A 44 -21.55 29.91 -7.72
CA PRO A 44 -22.96 30.28 -7.46
C PRO A 44 -23.98 29.20 -7.73
N GLY A 45 -24.84 28.97 -6.73
CA GLY A 45 -25.92 28.00 -6.77
C GLY A 45 -25.51 26.55 -6.83
N TYR A 46 -24.27 26.21 -6.41
CA TYR A 46 -23.76 24.83 -6.47
C TYR A 46 -24.63 23.88 -5.65
N SER A 47 -24.90 24.24 -4.38
CA SER A 47 -25.68 23.41 -3.45
C SER A 47 -27.13 23.18 -3.90
N MET A 48 -27.66 24.09 -4.74
CA MET A 48 -29.01 23.99 -5.27
C MET A 48 -29.08 22.80 -6.25
N ILE A 49 -27.97 22.52 -6.93
CA ILE A 49 -27.88 21.48 -7.97
C ILE A 49 -27.25 20.20 -7.46
N ILE A 50 -26.12 20.31 -6.75
CA ILE A 50 -25.37 19.14 -6.27
C ILE A 50 -25.72 18.81 -4.84
N LYS A 51 -26.41 17.67 -4.66
CA LYS A 51 -26.93 17.28 -3.34
C LYS A 51 -26.01 16.37 -2.57
N HIS A 52 -25.10 15.69 -3.26
CA HIS A 52 -24.15 14.78 -2.64
C HIS A 52 -22.72 15.18 -3.02
N PRO A 53 -22.18 16.27 -2.43
CA PRO A 53 -20.83 16.72 -2.80
C PRO A 53 -19.73 15.74 -2.40
N MET A 54 -18.62 15.82 -3.12
CA MET A 54 -17.44 14.98 -2.85
C MET A 54 -16.22 15.71 -3.38
N ASP A 55 -15.07 15.48 -2.71
CA ASP A 55 -13.78 16.07 -3.08
C ASP A 55 -12.67 15.19 -2.52
N PHE A 56 -11.44 15.38 -3.01
CA PHE A 56 -10.29 14.58 -2.58
C PHE A 56 -9.97 14.70 -1.09
N GLY A 57 -10.16 15.89 -0.53
CA GLY A 57 -9.92 16.13 0.90
C GLY A 57 -10.83 15.30 1.78
N THR A 58 -12.13 15.23 1.39
CA THR A 58 -13.12 14.40 2.11
C THR A 58 -12.71 12.93 2.00
N MET A 59 -12.25 12.50 0.81
CA MET A 59 -11.82 11.12 0.63
C MET A 59 -10.57 10.83 1.50
N LYS A 60 -9.59 11.76 1.50
CA LYS A 60 -8.37 11.63 2.33
C LYS A 60 -8.76 11.46 3.81
N ASP A 61 -9.70 12.29 4.29
CA ASP A 61 -10.18 12.21 5.67
C ASP A 61 -10.84 10.87 5.95
N LYS A 62 -11.58 10.32 4.96
CA LYS A 62 -12.22 9.00 5.09
C LYS A 62 -11.18 7.89 5.17
N ILE A 63 -10.09 7.99 4.40
CA ILE A 63 -9.02 6.99 4.48
C ILE A 63 -8.37 7.04 5.88
N VAL A 64 -7.99 8.26 6.33
CA VAL A 64 -7.36 8.49 7.64
C VAL A 64 -8.23 7.94 8.77
N ALA A 65 -9.55 8.15 8.69
CA ALA A 65 -10.51 7.68 9.70
C ALA A 65 -10.87 6.19 9.54
N ASN A 66 -10.34 5.50 8.51
CA ASN A 66 -10.60 4.08 8.21
C ASN A 66 -12.09 3.83 7.88
N GLU A 67 -12.68 4.76 7.11
CA GLU A 67 -14.08 4.76 6.68
C GLU A 67 -14.36 3.95 5.42
N TYR A 68 -13.31 3.48 4.72
CA TYR A 68 -13.55 2.70 3.51
C TYR A 68 -13.40 1.23 3.81
N LYS A 69 -14.48 0.45 3.60
CA LYS A 69 -14.38 -0.98 3.83
C LYS A 69 -13.92 -1.70 2.57
N SER A 70 -14.02 -1.03 1.41
CA SER A 70 -13.60 -1.64 0.15
C SER A 70 -13.10 -0.60 -0.85
N VAL A 71 -12.34 -1.08 -1.87
CA VAL A 71 -11.90 -0.23 -2.99
C VAL A 71 -13.13 0.22 -3.78
N THR A 72 -14.18 -0.64 -3.86
CA THR A 72 -15.44 -0.31 -4.54
C THR A 72 -16.05 0.96 -3.97
N GLU A 73 -16.05 1.10 -2.63
CA GLU A 73 -16.59 2.31 -1.96
C GLU A 73 -15.76 3.54 -2.31
N PHE A 74 -14.41 3.38 -2.31
CA PHE A 74 -13.49 4.47 -2.68
C PHE A 74 -13.75 4.91 -4.12
N LYS A 75 -13.87 3.94 -5.05
CA LYS A 75 -14.16 4.23 -6.47
C LYS A 75 -15.51 4.97 -6.61
N ALA A 76 -16.52 4.58 -5.82
CA ALA A 76 -17.83 5.23 -5.88
C ALA A 76 -17.75 6.70 -5.46
N ASP A 77 -16.93 7.02 -4.42
CA ASP A 77 -16.76 8.42 -4.00
C ASP A 77 -16.04 9.21 -5.08
N PHE A 78 -15.02 8.61 -5.66
CA PHE A 78 -14.26 9.24 -6.73
C PHE A 78 -15.18 9.54 -7.94
N LYS A 79 -15.98 8.55 -8.36
CA LYS A 79 -16.91 8.71 -9.48
C LYS A 79 -17.94 9.78 -9.15
N LEU A 80 -18.44 9.82 -7.91
CA LEU A 80 -19.42 10.85 -7.49
C LEU A 80 -18.81 12.25 -7.65
N MET A 81 -17.55 12.44 -7.21
CA MET A 81 -16.84 13.71 -7.36
C MET A 81 -16.81 14.15 -8.83
N CYS A 82 -16.44 13.22 -9.74
CA CYS A 82 -16.34 13.53 -11.17
C CYS A 82 -17.70 13.78 -11.76
N ASP A 83 -18.69 12.94 -11.42
CA ASP A 83 -20.05 13.10 -11.93
C ASP A 83 -20.65 14.44 -11.51
N ASN A 84 -20.37 14.87 -10.27
CA ASN A 84 -20.89 16.15 -9.80
C ASN A 84 -20.36 17.29 -10.66
N ALA A 85 -19.04 17.27 -10.96
CA ALA A 85 -18.43 18.30 -11.80
C ALA A 85 -19.02 18.29 -13.20
N MET A 86 -19.31 17.10 -13.75
CA MET A 86 -19.87 17.00 -15.09
C MET A 86 -21.35 17.37 -15.13
N THR A 87 -22.06 17.26 -13.98
CA THR A 87 -23.46 17.67 -13.88
C THR A 87 -23.59 19.20 -13.74
N TYR A 88 -22.77 19.79 -12.86
CA TYR A 88 -22.82 21.23 -12.59
C TYR A 88 -22.26 22.10 -13.72
N ASN A 89 -21.09 21.73 -14.23
CA ASN A 89 -20.37 22.50 -15.25
C ASN A 89 -20.71 22.05 -16.67
N ARG A 90 -20.82 23.01 -17.61
CA ARG A 90 -21.11 22.66 -19.02
C ARG A 90 -19.90 21.97 -19.67
N PRO A 91 -20.10 21.22 -20.79
CA PRO A 91 -19.00 20.40 -21.34
C PRO A 91 -17.76 21.15 -21.84
N ASP A 92 -17.87 22.44 -22.14
CA ASP A 92 -16.74 23.18 -22.67
C ASP A 92 -15.97 23.93 -21.59
N THR A 93 -16.16 23.56 -20.32
CA THR A 93 -15.48 24.18 -19.20
C THR A 93 -14.25 23.39 -18.73
N VAL A 94 -13.33 24.09 -18.05
CA VAL A 94 -12.11 23.49 -17.48
C VAL A 94 -12.49 22.37 -16.49
N TYR A 95 -13.51 22.60 -15.64
CA TYR A 95 -13.92 21.65 -14.61
C TYR A 95 -14.53 20.40 -15.18
N TYR A 96 -15.42 20.53 -16.19
CA TYR A 96 -16.01 19.35 -16.83
C TYR A 96 -14.90 18.50 -17.46
N LYS A 97 -14.03 19.13 -18.25
CA LYS A 97 -12.93 18.43 -18.94
C LYS A 97 -12.00 17.73 -17.99
N LEU A 98 -11.63 18.42 -16.90
CA LEU A 98 -10.72 17.86 -15.88
C LEU A 98 -11.39 16.67 -15.14
N ALA A 99 -12.68 16.79 -14.85
CA ALA A 99 -13.43 15.71 -14.20
C ALA A 99 -13.44 14.47 -15.08
N LYS A 100 -13.65 14.63 -16.40
CA LYS A 100 -13.68 13.52 -17.35
C LYS A 100 -12.30 12.87 -17.41
N LYS A 101 -11.22 13.70 -17.37
CA LYS A 101 -9.84 13.25 -17.39
C LYS A 101 -9.52 12.44 -16.14
N ILE A 102 -9.88 12.98 -14.95
CA ILE A 102 -9.66 12.33 -13.67
C ILE A 102 -10.45 10.99 -13.60
N LEU A 103 -11.72 10.99 -14.05
CA LEU A 103 -12.57 9.79 -14.04
C LEU A 103 -11.93 8.65 -14.82
N HIS A 104 -11.51 8.93 -16.05
CA HIS A 104 -10.89 7.90 -16.89
C HIS A 104 -9.56 7.41 -16.28
N ALA A 105 -8.77 8.32 -15.67
CA ALA A 105 -7.50 7.95 -15.04
C ALA A 105 -7.72 7.01 -13.83
N GLY A 106 -8.74 7.29 -13.03
CA GLY A 106 -9.07 6.46 -11.88
C GLY A 106 -9.61 5.11 -12.28
N PHE A 107 -10.46 5.06 -13.30
CA PHE A 107 -11.01 3.77 -13.73
C PHE A 107 -9.97 2.93 -14.47
N LYS A 108 -8.91 3.56 -15.01
CA LYS A 108 -7.81 2.81 -15.63
C LYS A 108 -6.97 2.21 -14.50
N MET A 109 -6.62 3.04 -13.49
CA MET A 109 -5.79 2.65 -12.36
C MET A 109 -6.43 1.57 -11.47
N MET A 110 -7.76 1.64 -11.32
CA MET A 110 -8.51 0.74 -10.46
C MET A 110 -9.45 -0.18 -11.27
N SER A 111 -9.00 -0.58 -12.45
CA SER A 111 -9.77 -1.47 -13.34
C SER A 111 -9.92 -2.85 -12.71
N LYS A 112 -10.96 -3.60 -13.11
CA LYS A 112 -11.19 -4.97 -12.63
C LYS A 112 -9.94 -5.83 -12.88
N GLU A 113 -9.27 -5.63 -14.06
CA GLU A 113 -8.04 -6.33 -14.41
C GLU A 113 -6.92 -6.06 -13.37
N ARG A 114 -6.71 -4.78 -13.04
CA ARG A 114 -5.68 -4.38 -12.08
C ARG A 114 -6.00 -4.87 -10.67
N LEU A 115 -7.29 -4.80 -10.28
CA LEU A 115 -7.69 -5.28 -8.94
C LEU A 115 -7.59 -6.78 -8.81
N LEU A 116 -7.90 -7.52 -9.89
CA LEU A 116 -7.75 -8.97 -9.89
C LEU A 116 -6.27 -9.36 -9.78
N ALA A 117 -5.36 -8.64 -10.47
CA ALA A 117 -3.93 -8.92 -10.38
C ALA A 117 -3.43 -8.66 -8.95
N LEU A 118 -3.92 -7.59 -8.30
CA LEU A 118 -3.58 -7.26 -6.91
C LEU A 118 -4.12 -8.34 -5.94
N LYS A 119 -5.36 -8.82 -6.17
CA LYS A 119 -6.00 -9.89 -5.39
C LYS A 119 -5.20 -11.17 -5.50
N ARG A 120 -4.76 -11.53 -6.73
CA ARG A 120 -3.96 -12.74 -6.94
C ARG A 120 -2.60 -12.64 -6.24
N SER A 121 -2.00 -11.43 -6.19
CA SER A 121 -0.71 -11.21 -5.52
C SER A 121 -0.81 -11.31 -4.00
N MET A 122 -2.03 -11.21 -3.45
CA MET A 122 -2.24 -11.35 -1.99
C MET A 122 -2.28 -12.82 -1.56
N SER A 123 -2.08 -13.76 -2.51
CA SER A 123 -2.06 -15.19 -2.20
C SER A 123 -0.73 -15.60 -1.59
N GLU B 10 6.15 7.14 -7.68
CA GLU B 10 5.27 6.14 -8.30
C GLU B 10 5.73 4.71 -8.03
N SER B 11 4.76 3.80 -7.88
CA SER B 11 4.94 2.36 -7.61
C SER B 11 3.63 1.64 -7.98
N THR B 12 3.65 0.31 -8.00
CA THR B 12 2.44 -0.47 -8.26
C THR B 12 1.72 -0.72 -6.93
N PRO B 13 0.41 -1.04 -6.90
CA PRO B 13 -0.24 -1.35 -5.62
C PRO B 13 0.39 -2.53 -4.85
N ILE B 14 0.82 -3.63 -5.53
CA ILE B 14 1.48 -4.75 -4.82
C ILE B 14 2.79 -4.28 -4.19
N GLN B 15 3.59 -3.45 -4.92
CA GLN B 15 4.85 -2.92 -4.36
C GLN B 15 4.56 -2.09 -3.12
N GLN B 16 3.48 -1.27 -3.15
CA GLN B 16 3.07 -0.45 -2.01
C GLN B 16 2.66 -1.34 -0.83
N LEU B 17 1.93 -2.44 -1.10
CA LEU B 17 1.53 -3.39 -0.05
C LEU B 17 2.76 -4.07 0.58
N LEU B 18 3.68 -4.58 -0.26
CA LEU B 18 4.88 -5.22 0.27
C LEU B 18 5.76 -4.24 1.01
N GLU B 19 5.86 -2.98 0.51
CA GLU B 19 6.64 -1.96 1.21
C GLU B 19 6.03 -1.69 2.59
N HIS B 20 4.69 -1.74 2.71
CA HIS B 20 4.02 -1.54 3.99
C HIS B 20 4.41 -2.68 4.95
N PHE B 21 4.27 -3.93 4.51
CA PHE B 21 4.64 -5.06 5.38
C PHE B 21 6.11 -5.00 5.76
N LEU B 22 6.99 -4.67 4.80
CA LEU B 22 8.44 -4.58 5.11
C LEU B 22 8.72 -3.48 6.15
N ARG B 23 8.09 -2.29 6.00
CA ARG B 23 8.24 -1.19 6.97
C ARG B 23 7.82 -1.65 8.38
N GLN B 24 6.70 -2.38 8.46
CA GLN B 24 6.19 -2.87 9.75
C GLN B 24 7.14 -3.88 10.36
N LEU B 25 7.75 -4.75 9.53
CA LEU B 25 8.73 -5.73 10.05
C LEU B 25 10.02 -5.03 10.50
N GLN B 26 10.51 -4.06 9.69
CA GLN B 26 11.76 -3.34 10.01
C GLN B 26 11.64 -2.52 11.28
N ARG B 27 10.41 -2.05 11.62
CA ARG B 27 10.18 -1.32 12.88
C ARG B 27 10.52 -2.19 14.10
N LYS B 28 10.43 -3.53 13.95
CA LYS B 28 10.75 -4.49 15.02
C LYS B 28 12.27 -4.70 15.20
N ASP B 29 13.08 -4.14 14.29
CA ASP B 29 14.53 -4.24 14.31
C ASP B 29 15.15 -2.82 14.28
N PRO B 30 14.99 -2.01 15.37
CA PRO B 30 15.50 -0.64 15.34
C PRO B 30 17.00 -0.50 15.15
N HIS B 31 17.79 -1.51 15.55
CA HIS B 31 19.25 -1.47 15.46
C HIS B 31 19.78 -1.93 14.10
N GLY B 32 18.89 -2.36 13.22
CA GLY B 32 19.24 -2.78 11.87
C GLY B 32 20.08 -4.05 11.81
N PHE B 33 19.90 -5.00 12.74
CA PHE B 33 20.63 -6.27 12.67
C PHE B 33 20.27 -7.06 11.39
N PHE B 34 19.04 -6.84 10.87
CA PHE B 34 18.55 -7.54 9.66
C PHE B 34 18.50 -6.62 8.44
N ALA B 35 19.08 -5.42 8.53
CA ALA B 35 19.00 -4.43 7.44
C ALA B 35 19.88 -4.74 6.24
N PHE B 36 21.03 -5.41 6.48
CA PHE B 36 21.99 -5.72 5.43
C PHE B 36 22.52 -7.15 5.64
N PRO B 37 23.23 -7.74 4.64
CA PRO B 37 23.74 -9.11 4.84
C PRO B 37 24.76 -9.24 5.97
N VAL B 38 24.84 -10.44 6.57
CA VAL B 38 25.81 -10.75 7.61
C VAL B 38 27.12 -11.13 6.88
N THR B 39 28.22 -10.45 7.19
CA THR B 39 29.50 -10.74 6.56
C THR B 39 30.30 -11.74 7.38
N ASP B 40 31.17 -12.52 6.71
CA ASP B 40 32.03 -13.47 7.42
C ASP B 40 33.01 -12.75 8.37
N ALA B 41 33.36 -11.48 8.06
CA ALA B 41 34.25 -10.66 8.88
C ALA B 41 33.68 -10.50 10.29
N ILE B 42 32.35 -10.34 10.42
CA ILE B 42 31.73 -10.17 11.74
C ILE B 42 31.10 -11.46 12.27
N ALA B 43 30.99 -12.49 11.42
CA ALA B 43 30.39 -13.76 11.84
C ALA B 43 31.15 -14.90 11.19
N PRO B 44 32.31 -15.30 11.75
CA PRO B 44 33.10 -16.38 11.13
C PRO B 44 32.31 -17.64 10.81
N GLY B 45 32.53 -18.14 9.60
CA GLY B 45 31.87 -19.34 9.09
C GLY B 45 30.47 -19.12 8.56
N TYR B 46 29.98 -17.88 8.60
CA TYR B 46 28.60 -17.59 8.19
C TYR B 46 28.26 -18.08 6.79
N SER B 47 29.12 -17.79 5.81
CA SER B 47 28.86 -18.18 4.41
C SER B 47 28.84 -19.70 4.21
N MET B 48 29.48 -20.48 5.10
CA MET B 48 29.51 -21.93 5.00
C MET B 48 28.28 -22.51 5.69
N ILE B 49 27.83 -21.87 6.78
CA ILE B 49 26.70 -22.36 7.59
C ILE B 49 25.36 -21.95 6.95
N ILE B 50 25.30 -20.72 6.43
CA ILE B 50 24.12 -20.15 5.82
C ILE B 50 24.34 -20.01 4.32
N LYS B 51 23.87 -21.00 3.56
CA LYS B 51 24.05 -21.05 2.12
C LYS B 51 22.98 -20.22 1.38
N HIS B 52 21.91 -19.82 2.09
CA HIS B 52 20.81 -19.05 1.51
C HIS B 52 20.62 -17.76 2.31
N PRO B 53 21.59 -16.82 2.24
CA PRO B 53 21.44 -15.61 3.03
C PRO B 53 20.25 -14.75 2.62
N MET B 54 19.69 -14.04 3.60
CA MET B 54 18.58 -13.12 3.31
C MET B 54 18.61 -12.01 4.34
N ASP B 55 18.14 -10.83 3.94
CA ASP B 55 18.08 -9.67 4.83
C ASP B 55 17.02 -8.71 4.29
N PHE B 56 16.61 -7.75 5.12
CA PHE B 56 15.60 -6.76 4.74
C PHE B 56 15.99 -5.91 3.54
N GLY B 57 17.27 -5.59 3.39
CA GLY B 57 17.76 -4.78 2.27
C GLY B 57 17.59 -5.51 0.95
N THR B 58 17.92 -6.82 0.93
CA THR B 58 17.72 -7.64 -0.25
C THR B 58 16.23 -7.71 -0.56
N MET B 59 15.39 -7.86 0.48
CA MET B 59 13.92 -7.90 0.28
C MET B 59 13.43 -6.61 -0.33
N LYS B 60 13.89 -5.43 0.19
CA LYS B 60 13.55 -4.11 -0.33
C LYS B 60 13.91 -4.01 -1.80
N ASP B 61 15.15 -4.45 -2.17
CA ASP B 61 15.61 -4.43 -3.56
C ASP B 61 14.72 -5.29 -4.47
N LYS B 62 14.24 -6.46 -3.96
CA LYS B 62 13.33 -7.33 -4.73
C LYS B 62 11.98 -6.67 -4.92
N ILE B 63 11.49 -5.92 -3.92
CA ILE B 63 10.23 -5.17 -4.08
C ILE B 63 10.45 -4.09 -5.15
N VAL B 64 11.55 -3.31 -5.03
CA VAL B 64 11.83 -2.19 -5.98
C VAL B 64 11.95 -2.69 -7.43
N ALA B 65 12.50 -3.90 -7.61
CA ALA B 65 12.67 -4.57 -8.90
C ALA B 65 11.40 -5.27 -9.38
N ASN B 66 10.32 -5.30 -8.55
CA ASN B 66 9.04 -5.96 -8.82
C ASN B 66 9.26 -7.47 -9.04
N GLU B 67 10.12 -8.07 -8.18
CA GLU B 67 10.52 -9.48 -8.22
C GLU B 67 9.57 -10.40 -7.44
N TYR B 68 8.66 -9.84 -6.62
CA TYR B 68 7.73 -10.66 -5.84
C TYR B 68 6.40 -10.79 -6.55
N LYS B 69 5.98 -12.02 -6.83
CA LYS B 69 4.71 -12.29 -7.51
C LYS B 69 3.59 -12.43 -6.49
N SER B 70 3.93 -12.69 -5.21
CA SER B 70 2.92 -12.84 -4.18
C SER B 70 3.43 -12.49 -2.79
N VAL B 71 2.49 -12.32 -1.84
CA VAL B 71 2.81 -12.12 -0.41
C VAL B 71 3.47 -13.43 0.07
N THR B 72 3.04 -14.61 -0.45
CA THR B 72 3.64 -15.91 -0.12
C THR B 72 5.14 -15.92 -0.37
N GLU B 73 5.59 -15.42 -1.56
CA GLU B 73 7.02 -15.36 -1.86
C GLU B 73 7.76 -14.41 -0.90
N PHE B 74 7.13 -13.27 -0.57
CA PHE B 74 7.71 -12.30 0.36
C PHE B 74 7.87 -12.93 1.75
N LYS B 75 6.82 -13.59 2.23
CA LYS B 75 6.83 -14.28 3.53
C LYS B 75 7.92 -15.36 3.55
N ALA B 76 8.14 -16.05 2.40
CA ALA B 76 9.16 -17.10 2.34
C ALA B 76 10.56 -16.51 2.56
N ASP B 77 10.83 -15.31 2.02
CA ASP B 77 12.13 -14.67 2.22
C ASP B 77 12.27 -14.24 3.67
N PHE B 78 11.20 -13.69 4.26
CA PHE B 78 11.22 -13.28 5.67
C PHE B 78 11.50 -14.49 6.58
N LYS B 79 10.83 -15.61 6.29
CA LYS B 79 11.03 -16.84 7.07
C LYS B 79 12.48 -17.30 6.95
N LEU B 80 13.03 -17.33 5.71
CA LEU B 80 14.42 -17.73 5.46
C LEU B 80 15.39 -16.88 6.31
N MET B 81 15.18 -15.54 6.33
CA MET B 81 16.04 -14.64 7.09
C MET B 81 16.03 -14.99 8.58
N CYS B 82 14.82 -15.19 9.14
CA CYS B 82 14.68 -15.54 10.57
C CYS B 82 15.27 -16.90 10.88
N ASP B 83 14.98 -17.91 10.02
CA ASP B 83 15.51 -19.27 10.19
C ASP B 83 17.05 -19.25 10.15
N ASN B 84 17.63 -18.42 9.28
CA ASN B 84 19.10 -18.32 9.21
C ASN B 84 19.66 -17.85 10.55
N ALA B 85 19.03 -16.82 11.13
CA ALA B 85 19.50 -16.30 12.44
C ALA B 85 19.35 -17.32 13.56
N MET B 86 18.28 -18.13 13.52
CA MET B 86 18.02 -19.16 14.53
C MET B 86 18.85 -20.45 14.29
N THR B 87 19.57 -20.51 13.13
CA THR B 87 20.44 -21.63 12.78
C THR B 87 21.90 -21.31 13.16
N TYR B 88 22.36 -20.14 12.76
CA TYR B 88 23.74 -19.72 13.00
C TYR B 88 23.99 -19.37 14.47
N ASN B 89 23.06 -18.62 15.08
CA ASN B 89 23.25 -18.12 16.46
C ASN B 89 22.70 -19.01 17.52
N ARG B 90 23.33 -18.95 18.70
CA ARG B 90 22.92 -19.72 19.86
C ARG B 90 21.61 -19.16 20.41
N PRO B 91 20.75 -19.98 21.05
CA PRO B 91 19.47 -19.45 21.56
C PRO B 91 19.53 -18.26 22.52
N ASP B 92 20.59 -18.11 23.34
CA ASP B 92 20.64 -16.99 24.29
C ASP B 92 21.14 -15.65 23.69
N THR B 93 21.33 -15.60 22.36
CA THR B 93 21.85 -14.40 21.72
C THR B 93 20.76 -13.41 21.37
N VAL B 94 21.18 -12.15 21.16
CA VAL B 94 20.32 -11.06 20.71
C VAL B 94 19.69 -11.42 19.34
N TYR B 95 20.49 -12.01 18.43
CA TYR B 95 20.05 -12.34 17.08
C TYR B 95 19.02 -13.47 17.02
N TYR B 96 19.24 -14.56 17.75
CA TYR B 96 18.28 -15.67 17.81
C TYR B 96 16.94 -15.19 18.41
N LYS B 97 17.00 -14.49 19.56
CA LYS B 97 15.81 -14.01 20.28
C LYS B 97 14.99 -13.05 19.44
N LEU B 98 15.66 -12.10 18.78
CA LEU B 98 14.95 -11.15 17.90
C LEU B 98 14.32 -11.87 16.70
N ALA B 99 15.08 -12.77 16.05
CA ALA B 99 14.56 -13.51 14.89
C ALA B 99 13.30 -14.31 15.25
N LYS B 100 13.28 -14.96 16.43
CA LYS B 100 12.13 -15.74 16.90
C LYS B 100 10.95 -14.83 17.10
N LYS B 101 11.16 -13.70 17.78
CA LYS B 101 10.13 -12.73 18.10
C LYS B 101 9.51 -12.16 16.82
N ILE B 102 10.34 -11.72 15.87
CA ILE B 102 9.83 -11.11 14.64
C ILE B 102 9.24 -12.13 13.66
N LEU B 103 9.74 -13.38 13.62
CA LEU B 103 9.17 -14.41 12.72
C LEU B 103 7.68 -14.67 13.09
N HIS B 104 7.38 -14.88 14.37
N HIS B 104 7.41 -14.90 14.39
CA HIS B 104 6.01 -15.17 14.80
CA HIS B 104 6.06 -15.15 14.92
C HIS B 104 5.11 -13.94 14.66
C HIS B 104 5.14 -13.95 14.63
N ALA B 105 5.60 -12.74 15.02
CA ALA B 105 4.84 -11.48 14.84
C ALA B 105 4.56 -11.17 13.37
N GLY B 106 5.54 -11.38 12.50
CA GLY B 106 5.43 -11.17 11.06
C GLY B 106 4.46 -12.11 10.38
N PHE B 107 4.49 -13.39 10.75
CA PHE B 107 3.56 -14.38 10.21
C PHE B 107 2.13 -14.12 10.65
N LYS B 108 1.94 -13.56 11.87
CA LYS B 108 0.59 -13.20 12.34
C LYS B 108 0.06 -12.01 11.53
N MET B 109 0.93 -11.02 11.29
CA MET B 109 0.60 -9.80 10.54
C MET B 109 0.24 -10.13 9.07
N MET B 110 0.88 -11.17 8.52
CA MET B 110 0.65 -11.60 7.14
C MET B 110 -0.06 -12.94 7.08
N SER B 111 -0.94 -13.21 8.06
CA SER B 111 -1.63 -14.50 8.15
C SER B 111 -2.58 -14.70 6.97
N LYS B 112 -2.85 -16.00 6.63
CA LYS B 112 -3.78 -16.32 5.55
C LYS B 112 -5.14 -15.65 5.76
N GLU B 113 -5.56 -15.54 7.04
CA GLU B 113 -6.80 -14.89 7.46
C GLU B 113 -6.79 -13.38 7.13
N ARG B 114 -5.69 -12.66 7.49
CA ARG B 114 -5.55 -11.23 7.22
C ARG B 114 -5.50 -10.93 5.73
N LEU B 115 -4.82 -11.80 4.96
CA LEU B 115 -4.71 -11.65 3.51
C LEU B 115 -6.03 -11.91 2.83
N LEU B 116 -6.85 -12.83 3.40
CA LEU B 116 -8.20 -13.12 2.90
C LEU B 116 -9.09 -11.90 3.13
N ALA B 117 -8.95 -11.21 4.28
CA ALA B 117 -9.73 -9.99 4.57
C ALA B 117 -9.31 -8.87 3.60
N LEU B 118 -8.00 -8.80 3.31
CA LEU B 118 -7.46 -7.80 2.38
C LEU B 118 -7.94 -8.06 0.94
N LYS B 119 -7.99 -9.34 0.52
CA LYS B 119 -8.51 -9.73 -0.81
C LYS B 119 -9.97 -9.32 -0.95
N ARG B 120 -10.71 -9.41 0.15
CA ARG B 120 -12.12 -9.07 0.16
C ARG B 120 -12.31 -7.60 0.01
N SER B 121 -11.46 -6.81 0.62
CA SER B 121 -11.55 -5.36 0.48
C SER B 121 -11.21 -4.87 -0.95
N MET B 122 -10.65 -5.76 -1.80
CA MET B 122 -10.32 -5.45 -3.19
C MET B 122 -11.48 -5.85 -4.08
#